data_6PDC
#
_entry.id   6PDC
#
_cell.length_a   46.183
_cell.length_b   56.837
_cell.length_c   122.670
_cell.angle_alpha   90.00
_cell.angle_beta   90.00
_cell.angle_gamma   90.00
#
_symmetry.space_group_name_H-M   'P 21 21 21'
#
loop_
_entity.id
_entity.type
_entity.pdbx_description
1 polymer 'Histone acetyltransferase KAT8'
2 non-polymer 'ZINC ION'
3 non-polymer 'SODIUM ION'
4 non-polymer GLYCEROL
5 non-polymer 'SULFATE ION'
6 non-polymer "2-fluoro-3-methyl-N'-(phenylsulfonyl)-5-[(prop-2-en-1-yl)oxy]benzohydrazide"
7 water water
#
_entity_poly.entity_id   1
_entity_poly.type   'polypeptide(L)'
_entity_poly.pdbx_seq_one_letter_code
;KYVDKIHIGNYEIDAWYFSPFPEDYGKQPKLWLCEYCLKYMKYEKSYRFHLGQCQWRQPPGKEIYRKSNISVHEVDGKDH
KIYCQNLCLLAKLFLDH(ALY)TLYFDVEPFVFYILTEVDRQGAHIVGYFSKEKESPDGNNVSCIMILPPYQRRGYGRFL
IAFSYELSKLESTVGSPEKPLSDLGKLSYRSYWSSVLLENLRDFRGTLSIKDLSQMTSITQNDIISTLQSLNMVKYWKGQ
HVICVTPKLVEEHLKSAQYKKPPITVDSVCLKWAPP
;
_entity_poly.pdbx_strand_id   A
#
# COMPACT_ATOMS: atom_id res chain seq x y z
N LYS A 1 -4.13 -4.83 -29.16
CA LYS A 1 -3.10 -3.88 -28.74
C LYS A 1 -3.45 -3.19 -27.42
N TYR A 2 -2.55 -3.27 -26.44
CA TYR A 2 -2.83 -2.85 -25.07
C TYR A 2 -2.13 -1.52 -24.75
N VAL A 3 -2.61 -0.86 -23.70
CA VAL A 3 -1.84 0.24 -23.14
C VAL A 3 -0.46 -0.30 -22.71
N ASP A 4 0.60 0.32 -23.21
CA ASP A 4 1.94 -0.08 -22.82
C ASP A 4 2.76 1.06 -22.20
N LYS A 5 2.24 2.27 -22.20
CA LYS A 5 2.97 3.43 -21.70
C LYS A 5 1.96 4.45 -21.22
N ILE A 6 2.23 5.04 -20.05
CA ILE A 6 1.38 6.12 -19.56
C ILE A 6 2.25 7.34 -19.28
N HIS A 7 1.61 8.50 -19.33
CA HIS A 7 2.17 9.73 -18.85
C HIS A 7 1.29 10.19 -17.70
N ILE A 8 1.88 10.40 -16.53
CA ILE A 8 1.11 10.86 -15.39
C ILE A 8 1.96 11.84 -14.61
N GLY A 9 1.41 13.00 -14.33
CA GLY A 9 2.21 14.05 -13.71
C GLY A 9 3.36 14.39 -14.61
N ASN A 10 4.57 14.29 -14.10
CA ASN A 10 5.77 14.49 -14.91
C ASN A 10 6.47 13.18 -15.25
N TYR A 11 5.85 12.03 -15.01
CA TYR A 11 6.48 10.74 -15.26
C TYR A 11 5.94 10.11 -16.54
N GLU A 12 6.82 9.43 -17.25
CA GLU A 12 6.43 8.44 -18.25
C GLU A 12 6.75 7.07 -17.66
N ILE A 13 5.80 6.14 -17.73
CA ILE A 13 5.97 4.84 -17.09
C ILE A 13 5.53 3.74 -18.06
N ASP A 14 6.41 2.77 -18.29
CA ASP A 14 6.06 1.58 -19.06
C ASP A 14 5.16 0.65 -18.27
N ALA A 15 4.17 0.06 -18.94
CA ALA A 15 3.27 -0.90 -18.32
C ALA A 15 3.98 -2.21 -18.02
N TRP A 16 3.48 -2.93 -17.01
CA TRP A 16 3.95 -4.27 -16.69
C TRP A 16 2.97 -5.36 -17.10
N TYR A 17 1.67 -5.04 -17.16
CA TYR A 17 0.62 -6.04 -17.35
C TYR A 17 -0.54 -5.43 -18.13
N PHE A 18 -1.39 -6.31 -18.64
CA PHE A 18 -2.62 -5.87 -19.29
C PHE A 18 -3.55 -5.22 -18.26
N SER A 19 -4.11 -4.06 -18.61
CA SER A 19 -5.21 -3.47 -17.86
C SER A 19 -6.37 -3.18 -18.81
N PRO A 20 -7.62 -3.51 -18.45
CA PRO A 20 -8.76 -3.43 -19.37
C PRO A 20 -9.31 -2.01 -19.60
N PHE A 21 -8.43 -1.08 -19.96
CA PHE A 21 -8.88 0.17 -20.53
C PHE A 21 -9.65 -0.11 -21.82
N PRO A 22 -10.64 0.71 -22.17
CA PRO A 22 -11.39 0.46 -23.40
C PRO A 22 -10.47 0.35 -24.62
N GLU A 23 -10.94 -0.37 -25.63
CA GLU A 23 -10.09 -0.77 -26.76
C GLU A 23 -9.49 0.43 -27.47
N ASP A 24 -10.28 1.51 -27.64
CA ASP A 24 -9.79 2.68 -28.37
C ASP A 24 -8.73 3.46 -27.58
N TYR A 25 -8.68 3.26 -26.27
CA TYR A 25 -7.61 3.82 -25.45
C TYR A 25 -6.32 2.99 -25.57
N GLY A 26 -6.46 1.66 -25.62
CA GLY A 26 -5.28 0.82 -25.73
C GLY A 26 -4.56 0.95 -27.05
N LYS A 27 -5.29 1.27 -28.12
CA LYS A 27 -4.67 1.42 -29.44
C LYS A 27 -3.73 2.63 -29.51
N GLN A 28 -3.88 3.61 -28.61
CA GLN A 28 -3.01 4.77 -28.67
C GLN A 28 -1.59 4.39 -28.28
N PRO A 29 -0.59 5.12 -28.77
CA PRO A 29 0.80 4.81 -28.35
C PRO A 29 1.06 5.09 -26.88
N LYS A 30 0.32 6.03 -26.29
CA LYS A 30 0.49 6.40 -24.90
C LYS A 30 -0.85 6.82 -24.33
N LEU A 31 -1.07 6.52 -23.05
CA LEU A 31 -2.24 6.99 -22.33
C LEU A 31 -1.83 8.08 -21.37
N TRP A 32 -2.62 9.15 -21.30
CA TRP A 32 -2.28 10.34 -20.55
C TRP A 32 -3.24 10.47 -19.38
N LEU A 33 -2.71 10.52 -18.16
CA LEU A 33 -3.53 10.52 -16.97
C LEU A 33 -3.34 11.79 -16.16
N CYS A 34 -4.45 12.42 -15.79
CA CYS A 34 -4.41 13.50 -14.83
C CYS A 34 -3.97 12.93 -13.50
N GLU A 35 -2.91 13.49 -12.92
CA GLU A 35 -2.39 12.94 -11.68
C GLU A 35 -3.29 13.19 -10.48
N TYR A 36 -4.26 14.11 -10.61
CA TYR A 36 -5.11 14.50 -9.49
C TYR A 36 -6.47 13.82 -9.52
N CYS A 37 -7.17 13.84 -10.66
CA CYS A 37 -8.46 13.17 -10.77
C CYS A 37 -8.40 11.82 -11.48
N LEU A 38 -7.25 11.46 -12.04
CA LEU A 38 -7.02 10.14 -12.65
C LEU A 38 -7.85 9.91 -13.90
N LYS A 39 -8.43 10.96 -14.47
CA LYS A 39 -9.04 10.85 -15.79
C LYS A 39 -7.97 10.39 -16.78
N TYR A 40 -8.29 9.40 -17.62
CA TYR A 40 -7.35 8.96 -18.64
C TYR A 40 -7.77 9.48 -20.01
N MET A 41 -6.78 9.87 -20.82
CA MET A 41 -7.03 10.57 -22.06
C MET A 41 -6.16 9.98 -23.16
N LYS A 42 -6.61 10.14 -24.40
CA LYS A 42 -5.99 9.52 -25.58
C LYS A 42 -4.85 10.32 -26.18
N TYR A 43 -4.81 11.63 -25.97
CA TYR A 43 -3.94 12.51 -26.73
C TYR A 43 -3.28 13.52 -25.83
N GLU A 44 -2.08 13.92 -26.22
CA GLU A 44 -1.39 15.00 -25.53
C GLU A 44 -2.23 16.27 -25.50
N LYS A 45 -2.96 16.55 -26.60
CA LYS A 45 -3.74 17.79 -26.65
C LYS A 45 -4.94 17.78 -25.72
N SER A 46 -5.63 16.64 -25.60
CA SER A 46 -6.73 16.61 -24.64
C SER A 46 -6.17 16.66 -23.21
N TYR A 47 -5.00 16.05 -22.99
CA TYR A 47 -4.33 16.12 -21.69
C TYR A 47 -3.97 17.56 -21.31
N ARG A 48 -3.35 18.32 -22.24
CA ARG A 48 -3.01 19.72 -21.96
C ARG A 48 -4.24 20.53 -21.63
N PHE A 49 -5.31 20.37 -22.40
CA PHE A 49 -6.51 21.14 -22.14
C PHE A 49 -7.06 20.79 -20.77
N HIS A 50 -7.06 19.50 -20.45
CA HIS A 50 -7.57 19.08 -19.15
C HIS A 50 -6.77 19.72 -18.02
N LEU A 51 -5.44 19.74 -18.15
CA LEU A 51 -4.61 20.24 -17.06
C LEU A 51 -4.89 21.71 -16.78
N GLY A 52 -5.23 22.49 -17.82
CA GLY A 52 -5.59 23.87 -17.59
C GLY A 52 -6.99 24.08 -17.07
N GLN A 53 -7.86 23.07 -17.19
CA GLN A 53 -9.24 23.16 -16.72
C GLN A 53 -9.45 22.49 -15.37
N CYS A 54 -8.79 21.35 -15.14
CA CYS A 54 -9.07 20.54 -13.95
C CYS A 54 -8.72 21.32 -12.70
N GLN A 55 -9.65 21.35 -11.76
CA GLN A 55 -9.44 22.07 -10.51
C GLN A 55 -8.88 21.18 -9.40
N TRP A 56 -8.91 19.86 -9.56
CA TRP A 56 -8.43 18.98 -8.50
C TRP A 56 -6.93 19.17 -8.31
N ARG A 57 -6.51 19.29 -7.05
CA ARG A 57 -5.09 19.31 -6.73
C ARG A 57 -4.75 18.26 -5.67
N GLN A 58 -5.66 17.32 -5.42
CA GLN A 58 -5.42 16.24 -4.47
C GLN A 58 -6.49 15.19 -4.66
N PRO A 59 -6.34 13.99 -4.09
CA PRO A 59 -7.42 12.98 -4.18
C PRO A 59 -8.71 13.47 -3.56
N PRO A 60 -9.84 12.84 -3.90
CA PRO A 60 -11.10 13.15 -3.20
C PRO A 60 -11.14 12.47 -1.84
N GLY A 61 -12.30 12.43 -1.18
CA GLY A 61 -12.39 11.80 0.13
C GLY A 61 -11.76 12.67 1.21
N LYS A 62 -11.58 12.10 2.39
CA LYS A 62 -11.05 12.88 3.50
C LYS A 62 -9.58 12.55 3.76
N GLU A 63 -8.81 13.59 4.07
CA GLU A 63 -7.40 13.44 4.46
C GLU A 63 -7.35 12.91 5.89
N ILE A 64 -7.19 11.59 6.05
CA ILE A 64 -7.12 10.99 7.38
C ILE A 64 -5.71 10.95 7.95
N TYR A 65 -4.71 11.38 7.19
CA TYR A 65 -3.35 11.44 7.73
C TYR A 65 -2.61 12.57 7.06
N ARG A 66 -1.91 13.35 7.86
CA ARG A 66 -1.08 14.42 7.34
C ARG A 66 0.05 14.67 8.31
N LYS A 67 1.28 14.50 7.84
CA LYS A 67 2.45 14.89 8.61
C LYS A 67 3.46 15.47 7.64
N SER A 68 3.80 16.75 7.84
CA SER A 68 4.63 17.49 6.91
C SER A 68 3.96 17.39 5.54
N ASN A 69 4.64 16.92 4.49
CA ASN A 69 4.07 16.84 3.15
C ASN A 69 3.69 15.42 2.76
N ILE A 70 3.49 14.52 3.74
CA ILE A 70 3.01 13.17 3.48
C ILE A 70 1.55 13.08 3.89
N SER A 71 0.71 12.57 3.00
CA SER A 71 -0.73 12.64 3.18
C SER A 71 -1.38 11.33 2.75
N VAL A 72 -2.43 10.92 3.46
CA VAL A 72 -3.24 9.77 3.05
C VAL A 72 -4.70 10.22 3.00
N HIS A 73 -5.36 9.92 1.89
CA HIS A 73 -6.79 10.19 1.70
C HIS A 73 -7.54 8.88 1.71
N GLU A 74 -8.65 8.86 2.43
CA GLU A 74 -9.55 7.71 2.46
C GLU A 74 -10.70 8.00 1.50
N VAL A 75 -10.89 7.12 0.52
CA VAL A 75 -11.86 7.33 -0.55
C VAL A 75 -12.76 6.11 -0.57
N ASP A 76 -14.03 6.31 -0.25
CA ASP A 76 -15.03 5.25 -0.30
C ASP A 76 -15.41 4.97 -1.75
N GLY A 77 -15.33 3.70 -2.14
CA GLY A 77 -15.62 3.33 -3.52
C GLY A 77 -17.04 3.67 -3.97
N LYS A 78 -18.01 3.63 -3.06
CA LYS A 78 -19.38 3.97 -3.46
C LYS A 78 -19.59 5.48 -3.62
N ASP A 79 -18.81 6.31 -2.92
CA ASP A 79 -18.96 7.75 -3.04
C ASP A 79 -18.16 8.37 -4.19
N HIS A 80 -17.09 7.72 -4.65
CA HIS A 80 -16.23 8.28 -5.68
C HIS A 80 -15.91 7.20 -6.71
N LYS A 81 -16.99 6.71 -7.36
CA LYS A 81 -16.91 5.51 -8.18
C LYS A 81 -15.95 5.68 -9.34
N ILE A 82 -16.11 6.74 -10.13
CA ILE A 82 -15.28 6.92 -11.32
C ILE A 82 -13.81 7.04 -10.92
N TYR A 83 -13.53 7.82 -9.87
CA TYR A 83 -12.14 7.98 -9.44
C TYR A 83 -11.54 6.63 -9.06
N CYS A 84 -12.28 5.83 -8.29
CA CYS A 84 -11.75 4.54 -7.84
C CYS A 84 -11.60 3.57 -9.00
N GLN A 85 -12.49 3.63 -9.99
CA GLN A 85 -12.34 2.79 -11.17
C GLN A 85 -11.08 3.16 -11.95
N ASN A 86 -10.84 4.45 -12.12
CA ASN A 86 -9.63 4.90 -12.81
C ASN A 86 -8.38 4.50 -12.04
N LEU A 87 -8.45 4.53 -10.71
CA LEU A 87 -7.33 4.10 -9.89
C LEU A 87 -7.06 2.62 -10.08
N CYS A 88 -8.12 1.80 -10.12
CA CYS A 88 -7.95 0.38 -10.31
C CYS A 88 -7.38 0.04 -11.68
N LEU A 89 -7.80 0.77 -12.72
CA LEU A 89 -7.24 0.53 -14.05
C LEU A 89 -5.76 0.88 -14.09
N LEU A 90 -5.39 2.02 -13.50
CA LEU A 90 -3.98 2.39 -13.36
C LEU A 90 -3.21 1.32 -12.60
N ALA A 91 -3.73 0.90 -11.44
CA ALA A 91 -3.05 -0.11 -10.62
C ALA A 91 -2.85 -1.41 -11.39
N LYS A 92 -3.83 -1.79 -12.22
CA LYS A 92 -3.75 -3.06 -12.90
C LYS A 92 -2.60 -3.10 -13.93
N LEU A 93 -2.14 -1.94 -14.40
CA LEU A 93 -0.96 -1.90 -15.25
C LEU A 93 0.28 -2.44 -14.55
N PHE A 94 0.31 -2.41 -13.22
CA PHE A 94 1.48 -2.83 -12.46
C PHE A 94 1.23 -3.97 -11.50
N LEU A 95 0.03 -4.54 -11.47
CA LEU A 95 -0.29 -5.69 -10.64
C LEU A 95 -0.74 -6.83 -11.53
N ASP A 96 -0.12 -8.00 -11.36
CA ASP A 96 -0.54 -9.16 -12.14
C ASP A 96 -1.87 -9.71 -11.65
N HIS A 97 -2.07 -9.74 -10.34
CA HIS A 97 -3.10 -10.57 -9.71
C HIS A 97 -4.38 -9.82 -9.33
N THR A 99 -7.89 -8.31 -9.88
CA THR A 99 -8.94 -8.74 -10.82
C THR A 99 -10.21 -7.88 -10.82
N LEU A 100 -10.32 -6.95 -9.89
CA LEU A 100 -11.53 -6.15 -9.76
C LEU A 100 -11.21 -4.68 -10.04
N TYR A 101 -11.96 -4.10 -10.98
CA TYR A 101 -11.65 -2.75 -11.47
C TYR A 101 -12.87 -1.85 -11.46
N PHE A 102 -14.04 -2.43 -11.70
CA PHE A 102 -15.25 -1.65 -11.89
C PHE A 102 -16.23 -1.77 -10.73
N ASP A 103 -16.25 -2.92 -10.04
CA ASP A 103 -17.08 -3.10 -8.85
C ASP A 103 -16.30 -2.62 -7.63
N VAL A 104 -16.22 -1.29 -7.47
CA VAL A 104 -15.40 -0.70 -6.42
C VAL A 104 -16.19 -0.32 -5.19
N GLU A 105 -17.53 -0.46 -5.23
CA GLU A 105 -18.35 -0.08 -4.09
C GLU A 105 -18.02 -0.84 -2.79
N PRO A 106 -17.66 -2.13 -2.82
CA PRO A 106 -17.31 -2.80 -1.55
C PRO A 106 -15.97 -2.38 -0.96
N PHE A 107 -15.20 -1.48 -1.59
CA PHE A 107 -13.85 -1.18 -1.16
C PHE A 107 -13.70 0.25 -0.68
N VAL A 108 -12.76 0.42 0.24
CA VAL A 108 -12.25 1.74 0.60
C VAL A 108 -10.80 1.80 0.13
N PHE A 109 -10.39 2.95 -0.40
CA PHE A 109 -9.10 3.16 -1.03
C PHE A 109 -8.33 4.21 -0.25
N TYR A 110 -7.09 3.90 0.09
CA TYR A 110 -6.23 4.80 0.85
C TYR A 110 -5.11 5.25 -0.09
N ILE A 111 -5.13 6.54 -0.47
CA ILE A 111 -4.24 7.10 -1.48
C ILE A 111 -3.11 7.80 -0.76
N LEU A 112 -1.87 7.40 -1.05
CA LEU A 112 -0.69 8.05 -0.51
C LEU A 112 -0.21 9.16 -1.47
N THR A 113 -0.03 10.36 -0.94
CA THR A 113 0.46 11.47 -1.76
C THR A 113 1.61 12.17 -1.07
N GLU A 114 2.47 12.73 -1.90
CA GLU A 114 3.60 13.57 -1.50
C GLU A 114 3.30 14.97 -2.01
N VAL A 115 3.29 15.97 -1.11
CA VAL A 115 2.73 17.29 -1.40
C VAL A 115 3.86 18.28 -1.67
N ASP A 116 3.62 19.18 -2.63
CA ASP A 116 4.45 20.38 -2.78
C ASP A 116 3.53 21.56 -3.07
N ARG A 117 4.12 22.68 -3.49
CA ARG A 117 3.36 23.89 -3.75
C ARG A 117 2.27 23.69 -4.81
N GLN A 118 2.48 22.77 -5.77
CA GLN A 118 1.50 22.66 -6.85
C GLN A 118 0.33 21.74 -6.48
N GLY A 119 0.57 20.75 -5.63
CA GLY A 119 -0.51 19.89 -5.19
C GLY A 119 0.01 18.63 -4.51
N ALA A 120 -0.90 17.68 -4.33
CA ALA A 120 -0.63 16.40 -3.69
C ALA A 120 -0.47 15.33 -4.77
N HIS A 121 0.76 14.86 -4.97
CA HIS A 121 1.10 13.95 -6.06
C HIS A 121 1.04 12.48 -5.65
N ILE A 122 0.35 11.68 -6.45
CA ILE A 122 0.02 10.31 -6.07
C ILE A 122 1.25 9.43 -6.16
N VAL A 123 1.48 8.65 -5.11
CA VAL A 123 2.61 7.72 -5.04
C VAL A 123 2.14 6.27 -5.15
N GLY A 124 1.00 5.97 -4.54
CA GLY A 124 0.51 4.61 -4.46
C GLY A 124 -0.76 4.57 -3.64
N TYR A 125 -1.25 3.36 -3.40
CA TYR A 125 -2.49 3.22 -2.66
C TYR A 125 -2.57 1.79 -2.14
N PHE A 126 -3.49 1.57 -1.20
CA PHE A 126 -3.98 0.22 -1.01
C PHE A 126 -5.49 0.25 -0.89
N SER A 127 -6.11 -0.81 -1.36
CA SER A 127 -7.53 -1.03 -1.20
C SER A 127 -7.77 -1.99 -0.04
N LYS A 128 -8.99 -1.93 0.47
CA LYS A 128 -9.37 -2.70 1.66
C LYS A 128 -10.86 -2.98 1.55
N GLU A 129 -11.24 -4.24 1.76
CA GLU A 129 -12.66 -4.58 1.77
C GLU A 129 -13.31 -3.96 3.00
N LYS A 130 -14.45 -3.27 2.80
CA LYS A 130 -15.20 -2.74 3.93
C LYS A 130 -15.55 -3.85 4.92
N GLU A 131 -15.90 -5.02 4.43
CA GLU A 131 -16.16 -6.18 5.29
C GLU A 131 -15.38 -7.34 4.71
N SER A 132 -14.33 -7.76 5.39
CA SER A 132 -13.51 -8.87 4.93
C SER A 132 -13.82 -10.12 5.73
N PRO A 133 -14.48 -11.12 5.14
CA PRO A 133 -14.72 -12.37 5.89
C PRO A 133 -13.44 -13.11 6.24
N ASP A 134 -12.38 -12.88 5.47
CA ASP A 134 -11.10 -13.56 5.61
C ASP A 134 -10.10 -12.82 6.49
N GLY A 135 -10.50 -11.71 7.11
CA GLY A 135 -9.55 -10.92 7.88
C GLY A 135 -8.41 -10.36 7.06
N ASN A 136 -8.70 -9.87 5.86
CA ASN A 136 -7.69 -9.20 5.06
C ASN A 136 -7.74 -7.70 5.34
N ASN A 137 -6.62 -7.13 5.78
CA ASN A 137 -6.56 -5.71 6.06
C ASN A 137 -6.02 -4.91 4.88
N VAL A 138 -5.66 -5.60 3.80
CA VAL A 138 -5.31 -5.03 2.50
C VAL A 138 -5.82 -5.98 1.44
N SER A 139 -6.45 -5.44 0.40
CA SER A 139 -6.81 -6.22 -0.77
C SER A 139 -5.69 -6.16 -1.81
N CYS A 140 -5.43 -4.98 -2.36
CA CYS A 140 -4.29 -4.76 -3.26
C CYS A 140 -3.48 -3.60 -2.74
N ILE A 141 -2.17 -3.65 -2.92
CA ILE A 141 -1.29 -2.57 -2.52
C ILE A 141 -0.30 -2.33 -3.65
N MET A 142 -0.16 -1.07 -4.08
CA MET A 142 0.57 -0.74 -5.30
C MET A 142 1.29 0.58 -5.10
N ILE A 143 2.60 0.57 -5.29
CA ILE A 143 3.43 1.77 -5.37
C ILE A 143 3.83 1.93 -6.82
N LEU A 144 3.62 3.13 -7.38
CA LEU A 144 3.99 3.36 -8.78
C LEU A 144 5.49 3.15 -8.95
N PRO A 145 5.94 2.62 -10.08
CA PRO A 145 7.35 2.18 -10.23
C PRO A 145 8.38 3.25 -9.84
N PRO A 146 8.24 4.52 -10.25
CA PRO A 146 9.31 5.48 -9.89
C PRO A 146 9.42 5.74 -8.39
N TYR A 147 8.43 5.35 -7.59
CA TYR A 147 8.49 5.52 -6.14
C TYR A 147 8.81 4.23 -5.40
N GLN A 148 8.99 3.12 -6.12
CA GLN A 148 9.23 1.85 -5.46
C GLN A 148 10.61 1.82 -4.81
N ARG A 149 10.73 1.02 -3.74
CA ARG A 149 11.99 0.82 -3.01
C ARG A 149 12.53 2.14 -2.45
N ARG A 150 11.62 3.03 -2.05
CA ARG A 150 12.02 4.33 -1.51
C ARG A 150 11.32 4.63 -0.18
N GLY A 151 10.79 3.61 0.50
CA GLY A 151 10.16 3.78 1.79
C GLY A 151 8.65 3.95 1.76
N TYR A 152 8.06 4.23 0.58
CA TYR A 152 6.63 4.51 0.54
C TYR A 152 5.81 3.24 0.72
N GLY A 153 6.27 2.12 0.16
CA GLY A 153 5.58 0.86 0.37
C GLY A 153 5.56 0.47 1.84
N ARG A 154 6.69 0.64 2.53
CA ARG A 154 6.76 0.36 3.96
C ARG A 154 5.78 1.24 4.73
N PHE A 155 5.69 2.52 4.35
CA PHE A 155 4.73 3.42 4.97
C PHE A 155 3.32 2.87 4.86
N LEU A 156 2.92 2.45 3.66
CA LEU A 156 1.54 1.99 3.46
C LEU A 156 1.28 0.69 4.22
N ILE A 157 2.25 -0.23 4.23
CA ILE A 157 2.12 -1.44 5.05
C ILE A 157 1.92 -1.05 6.52
N ALA A 158 2.80 -0.21 7.04
CA ALA A 158 2.68 0.22 8.45
C ALA A 158 1.33 0.88 8.68
N PHE A 159 0.89 1.69 7.73
CA PHE A 159 -0.40 2.38 7.82
C PHE A 159 -1.55 1.37 7.90
N SER A 160 -1.52 0.33 7.08
CA SER A 160 -2.60 -0.66 7.08
C SER A 160 -2.72 -1.33 8.44
N TYR A 161 -1.58 -1.58 9.11
CA TYR A 161 -1.65 -2.19 10.43
C TYR A 161 -2.08 -1.19 11.50
N GLU A 162 -1.75 0.10 11.33
CA GLU A 162 -2.27 1.10 12.27
C GLU A 162 -3.79 1.18 12.23
N LEU A 163 -4.38 1.00 11.04
CA LEU A 163 -5.84 0.90 10.96
C LEU A 163 -6.32 -0.35 11.69
N SER A 164 -5.67 -1.49 11.45
CA SER A 164 -6.06 -2.73 12.13
C SER A 164 -5.97 -2.59 13.65
N LYS A 165 -4.93 -1.91 14.16
CA LYS A 165 -4.84 -1.68 15.60
C LYS A 165 -6.04 -0.90 16.12
N LEU A 166 -6.44 0.15 15.40
CA LEU A 166 -7.57 0.96 15.81
C LEU A 166 -8.89 0.20 15.74
N GLU A 167 -8.95 -0.84 14.90
CA GLU A 167 -10.09 -1.74 14.81
C GLU A 167 -10.04 -2.87 15.82
N SER A 168 -8.99 -2.93 16.65
CA SER A 168 -8.80 -4.00 17.63
C SER A 168 -8.85 -5.39 17.00
N THR A 169 -8.22 -5.53 15.82
CA THR A 169 -8.24 -6.79 15.11
C THR A 169 -6.87 -7.03 14.50
N VAL A 170 -6.58 -8.28 14.15
CA VAL A 170 -5.40 -8.62 13.39
C VAL A 170 -5.80 -8.67 11.91
N GLY A 171 -4.79 -8.63 11.04
CA GLY A 171 -5.08 -8.66 9.61
C GLY A 171 -3.84 -9.03 8.82
N SER A 172 -4.07 -9.41 7.56
CA SER A 172 -3.01 -9.88 6.68
C SER A 172 -3.35 -9.44 5.26
N PRO A 173 -2.36 -9.14 4.42
CA PRO A 173 -2.68 -8.80 3.04
C PRO A 173 -3.30 -9.99 2.33
N GLU A 174 -4.21 -9.68 1.40
CA GLU A 174 -4.79 -10.72 0.57
C GLU A 174 -3.72 -11.31 -0.33
N LYS A 175 -3.74 -12.63 -0.49
CA LYS A 175 -2.78 -13.34 -1.32
C LYS A 175 -3.37 -13.62 -2.69
N PRO A 176 -2.53 -13.77 -3.74
CA PRO A 176 -1.06 -13.71 -3.69
C PRO A 176 -0.51 -12.29 -3.77
N LEU A 177 0.64 -12.09 -3.11
CA LEU A 177 1.34 -10.82 -3.20
C LEU A 177 2.25 -10.81 -4.42
N SER A 178 2.45 -9.61 -4.96
CA SER A 178 3.48 -9.43 -5.97
C SER A 178 4.84 -9.79 -5.38
N ASP A 179 5.79 -10.04 -6.28
CA ASP A 179 7.15 -10.39 -5.86
C ASP A 179 7.72 -9.32 -4.92
N LEU A 180 7.68 -8.06 -5.35
CA LEU A 180 8.15 -6.97 -4.49
C LEU A 180 7.31 -6.83 -3.23
N GLY A 181 6.01 -7.15 -3.31
CA GLY A 181 5.16 -7.03 -2.13
C GLY A 181 5.54 -8.04 -1.06
N LYS A 182 5.86 -9.26 -1.48
CA LYS A 182 6.29 -10.32 -0.56
C LYS A 182 7.58 -9.94 0.17
N LEU A 183 8.59 -9.49 -0.58
CA LEU A 183 9.81 -9.02 0.06
C LEU A 183 9.53 -7.90 1.04
N SER A 184 8.66 -6.97 0.64
CA SER A 184 8.39 -5.80 1.47
C SER A 184 7.68 -6.19 2.76
N TYR A 185 6.68 -7.06 2.68
CA TYR A 185 5.99 -7.47 3.91
C TYR A 185 6.93 -8.23 4.84
N ARG A 186 7.74 -9.14 4.29
CA ARG A 186 8.67 -9.89 5.12
CA ARG A 186 8.67 -9.89 5.12
C ARG A 186 9.65 -8.96 5.82
N SER A 187 10.16 -7.96 5.09
CA SER A 187 11.06 -6.98 5.70
C SER A 187 10.35 -6.16 6.76
N TYR A 188 9.11 -5.75 6.50
CA TYR A 188 8.38 -4.98 7.49
C TYR A 188 8.08 -5.82 8.72
N TRP A 189 7.62 -7.05 8.51
CA TRP A 189 7.35 -7.94 9.63
C TRP A 189 8.60 -8.14 10.48
N SER A 190 9.72 -8.42 9.83
CA SER A 190 10.95 -8.68 10.58
C SER A 190 11.35 -7.48 11.42
N SER A 191 11.32 -6.29 10.84
CA SER A 191 11.79 -5.13 11.60
C SER A 191 10.85 -4.82 12.76
N VAL A 192 9.54 -4.96 12.56
CA VAL A 192 8.61 -4.66 13.64
C VAL A 192 8.75 -5.67 14.77
N LEU A 193 8.83 -6.96 14.43
CA LEU A 193 8.94 -7.98 15.47
C LEU A 193 10.28 -7.87 16.20
N LEU A 194 11.37 -7.66 15.47
CA LEU A 194 12.69 -7.56 16.07
C LEU A 194 12.79 -6.36 17.00
N GLU A 195 12.23 -5.22 16.58
CA GLU A 195 12.24 -4.04 17.44
C GLU A 195 11.41 -4.25 18.70
N ASN A 196 10.29 -4.97 18.59
CA ASN A 196 9.51 -5.27 19.78
C ASN A 196 10.25 -6.23 20.70
N LEU A 197 10.97 -7.19 20.14
CA LEU A 197 11.73 -8.13 20.95
C LEU A 197 12.95 -7.46 21.59
N ARG A 198 13.51 -6.43 20.95
CA ARG A 198 14.63 -5.71 21.53
C ARG A 198 14.19 -4.88 22.74
N ASP A 199 13.11 -4.14 22.60
CA ASP A 199 12.64 -3.24 23.65
C ASP A 199 12.19 -4.01 24.89
N LEU A 204 7.34 -11.78 26.08
CA LEU A 204 6.54 -11.61 24.86
C LEU A 204 6.30 -12.94 24.16
N SER A 205 5.05 -13.38 24.15
CA SER A 205 4.69 -14.56 23.39
C SER A 205 4.38 -14.19 21.94
N ILE A 206 4.10 -15.21 21.13
CA ILE A 206 3.61 -14.97 19.77
C ILE A 206 2.26 -14.27 19.83
N LYS A 207 1.40 -14.68 20.76
CA LYS A 207 0.12 -14.01 20.92
C LYS A 207 0.29 -12.57 21.37
N ASP A 208 1.25 -12.31 22.26
CA ASP A 208 1.52 -10.93 22.69
C ASP A 208 1.96 -10.07 21.51
N LEU A 209 2.91 -10.56 20.71
CA LEU A 209 3.37 -9.79 19.56
C LEU A 209 2.22 -9.51 18.61
N SER A 210 1.27 -10.44 18.49
CA SER A 210 0.14 -10.26 17.60
C SER A 210 -0.77 -9.15 18.08
N GLN A 211 -1.11 -9.14 19.38
CA GLN A 211 -1.95 -8.09 19.92
C GLN A 211 -1.27 -6.72 19.83
N MET A 212 0.06 -6.69 19.96
CA MET A 212 0.76 -5.41 19.93
C MET A 212 0.87 -4.84 18.51
N THR A 213 0.96 -5.71 17.49
CA THR A 213 1.28 -5.29 16.14
C THR A 213 0.13 -5.42 15.15
N SER A 214 -0.91 -6.18 15.48
CA SER A 214 -2.00 -6.59 14.58
C SER A 214 -1.52 -7.49 13.45
N ILE A 215 -0.26 -7.92 13.47
CA ILE A 215 0.19 -8.99 12.60
C ILE A 215 -0.41 -10.31 13.05
N THR A 216 -0.84 -11.14 12.10
CA THR A 216 -1.46 -12.41 12.47
C THR A 216 -0.42 -13.35 13.06
N GLN A 217 -0.89 -14.29 13.89
CA GLN A 217 0.04 -15.24 14.47
C GLN A 217 0.75 -16.05 13.39
N ASN A 218 0.03 -16.39 12.32
CA ASN A 218 0.66 -17.13 11.22
C ASN A 218 1.79 -16.31 10.59
N ASP A 219 1.56 -15.01 10.36
CA ASP A 219 2.60 -14.21 9.73
C ASP A 219 3.77 -14.00 10.69
N ILE A 220 3.49 -13.85 11.98
CA ILE A 220 4.55 -13.79 12.97
C ILE A 220 5.37 -15.08 12.96
N ILE A 221 4.68 -16.22 12.99
CA ILE A 221 5.39 -17.50 13.01
C ILE A 221 6.25 -17.67 11.76
N SER A 222 5.67 -17.44 10.58
CA SER A 222 6.47 -17.60 9.37
C SER A 222 7.65 -16.63 9.35
N THR A 223 7.47 -15.42 9.89
CA THR A 223 8.59 -14.48 9.96
C THR A 223 9.64 -14.95 10.96
N LEU A 224 9.22 -15.39 12.15
CA LEU A 224 10.18 -15.91 13.11
C LEU A 224 10.91 -17.14 12.57
N GLN A 225 10.20 -17.98 11.82
CA GLN A 225 10.83 -19.16 11.22
C GLN A 225 11.93 -18.76 10.23
N SER A 226 11.69 -17.72 9.43
CA SER A 226 12.74 -17.30 8.52
C SER A 226 13.92 -16.69 9.26
N LEU A 227 13.69 -16.18 10.46
CA LEU A 227 14.76 -15.67 11.31
C LEU A 227 15.38 -16.76 12.18
N ASN A 228 14.79 -17.96 12.17
CA ASN A 228 15.21 -19.06 13.05
C ASN A 228 15.10 -18.65 14.51
N MET A 229 13.95 -18.08 14.88
CA MET A 229 13.75 -17.58 16.22
C MET A 229 12.56 -18.23 16.92
N VAL A 230 12.19 -19.44 16.49
CA VAL A 230 11.06 -20.15 17.07
C VAL A 230 11.46 -21.61 17.27
N LYS A 231 11.08 -22.16 18.42
CA LYS A 231 11.17 -23.58 18.71
C LYS A 231 9.80 -24.22 18.57
N TYR A 232 9.77 -25.55 18.47
CA TYR A 232 8.52 -26.30 18.45
C TYR A 232 8.49 -27.20 19.68
N TRP A 233 7.39 -27.17 20.44
CA TRP A 233 7.27 -28.00 21.63
C TRP A 233 5.85 -28.53 21.73
N LYS A 234 5.70 -29.84 21.57
CA LYS A 234 4.42 -30.54 21.73
C LYS A 234 3.29 -29.82 21.00
N GLY A 235 3.53 -29.52 19.73
CA GLY A 235 2.52 -28.98 18.86
C GLY A 235 2.37 -27.47 18.88
N GLN A 236 3.24 -26.76 19.59
CA GLN A 236 3.15 -25.31 19.72
C GLN A 236 4.45 -24.64 19.26
N HIS A 237 4.30 -23.60 18.44
CA HIS A 237 5.41 -22.70 18.14
C HIS A 237 5.69 -21.81 19.34
N VAL A 238 6.97 -21.72 19.74
CA VAL A 238 7.39 -20.92 20.88
C VAL A 238 8.58 -20.06 20.49
N ILE A 239 8.55 -18.78 20.88
CA ILE A 239 9.65 -17.86 20.58
C ILE A 239 10.90 -18.30 21.31
N CYS A 240 12.02 -18.34 20.60
CA CYS A 240 13.28 -18.76 21.20
C CYS A 240 14.38 -17.84 20.68
N VAL A 241 14.63 -16.74 21.39
CA VAL A 241 15.67 -15.81 20.97
C VAL A 241 16.29 -15.17 22.19
N THR A 242 17.56 -14.83 22.05
CA THR A 242 18.33 -14.06 22.99
C THR A 242 18.41 -12.60 22.54
N PRO A 243 18.37 -11.68 23.52
CA PRO A 243 18.52 -10.25 23.19
C PRO A 243 19.71 -9.95 22.30
N LYS A 244 20.80 -10.70 22.43
CA LYS A 244 21.97 -10.50 21.58
C LYS A 244 21.67 -10.88 20.13
N LEU A 245 20.96 -12.01 19.94
CA LEU A 245 20.59 -12.45 18.59
C LEU A 245 19.69 -11.42 17.92
N VAL A 246 18.74 -10.86 18.66
CA VAL A 246 17.85 -9.82 18.13
C VAL A 246 18.66 -8.63 17.64
N GLU A 247 19.73 -8.27 18.36
CA GLU A 247 20.48 -7.09 18.03
C GLU A 247 21.39 -7.30 16.83
N GLU A 248 21.94 -8.50 16.67
CA GLU A 248 22.69 -8.82 15.45
C GLU A 248 21.83 -8.63 14.22
N HIS A 249 20.63 -9.22 14.22
CA HIS A 249 19.73 -9.08 13.07
C HIS A 249 19.41 -7.62 12.79
N LEU A 250 19.13 -6.84 13.85
CA LEU A 250 18.60 -5.50 13.69
C LEU A 250 19.62 -4.56 13.07
N LYS A 251 20.89 -4.77 13.35
CA LYS A 251 21.87 -3.89 12.73
C LYS A 251 22.55 -4.61 11.57
N SER A 252 21.77 -5.37 10.81
CA SER A 252 22.18 -5.78 9.47
C SER A 252 21.75 -4.68 8.49
N ALA A 253 22.35 -4.73 7.31
CA ALA A 253 22.30 -3.57 6.41
C ALA A 253 20.88 -3.26 5.94
N GLN A 254 20.04 -4.29 5.82
CA GLN A 254 18.69 -4.09 5.28
C GLN A 254 17.82 -3.23 6.18
N TYR A 255 18.13 -3.13 7.48
CA TYR A 255 17.36 -2.30 8.41
C TYR A 255 18.02 -0.94 8.65
N LYS A 256 18.70 -0.40 7.62
CA LYS A 256 19.47 0.82 7.78
C LYS A 256 18.85 2.06 7.14
N LYS A 257 17.95 1.88 6.18
CA LYS A 257 17.33 3.04 5.55
C LYS A 257 16.33 3.70 6.51
N PRO A 258 16.40 5.01 6.72
CA PRO A 258 15.50 5.65 7.68
C PRO A 258 14.07 5.68 7.15
N PRO A 259 13.13 5.07 7.85
CA PRO A 259 11.77 4.97 7.32
C PRO A 259 11.03 6.29 7.34
N ILE A 260 10.02 6.39 6.47
CA ILE A 260 8.92 7.33 6.67
C ILE A 260 8.02 6.69 7.71
N THR A 261 7.91 7.31 8.86
CA THR A 261 7.16 6.68 9.93
C THR A 261 5.69 7.08 9.83
N VAL A 262 4.82 6.21 10.34
CA VAL A 262 3.43 6.57 10.57
C VAL A 262 3.33 7.09 12.00
N ASP A 263 3.12 8.39 12.13
CA ASP A 263 2.93 9.02 13.43
C ASP A 263 1.47 8.86 13.83
N SER A 264 1.20 8.00 14.81
CA SER A 264 -0.18 7.76 15.21
C SER A 264 -0.87 9.04 15.66
N VAL A 265 -0.10 10.04 16.10
CA VAL A 265 -0.69 11.32 16.50
C VAL A 265 -1.29 12.07 15.31
N CYS A 266 -0.80 11.82 14.10
CA CYS A 266 -1.30 12.49 12.90
C CYS A 266 -2.37 11.69 12.18
N LEU A 267 -2.78 10.56 12.74
CA LEU A 267 -3.81 9.71 12.14
C LEU A 267 -5.17 10.10 12.70
N LYS A 268 -6.07 10.54 11.82
CA LYS A 268 -7.39 11.03 12.18
C LYS A 268 -8.41 10.02 11.66
N TRP A 269 -8.70 9.00 12.47
CA TRP A 269 -9.48 7.91 11.93
C TRP A 269 -10.21 7.18 13.05
N ALA A 270 -11.51 7.02 12.87
CA ALA A 270 -12.34 6.25 13.78
C ALA A 270 -12.79 4.97 13.10
N PRO A 271 -12.70 3.83 13.78
CA PRO A 271 -13.09 2.56 13.17
C PRO A 271 -14.56 2.54 12.82
N PRO A 272 -14.94 1.98 11.66
CA PRO A 272 -16.34 1.80 11.24
C PRO A 272 -17.09 0.87 12.19
#